data_9H65
#
_entry.id   9H65
#
_cell.length_a   94.057
_cell.length_b   104.806
_cell.length_c   155.025
_cell.angle_alpha   90.000
_cell.angle_beta   90.000
_cell.angle_gamma   90.000
#
_symmetry.space_group_name_H-M   'I 2 2 2'
#
loop_
_entity.id
_entity.type
_entity.pdbx_description
1 polymer 'Bile acid receptor'
2 polymer 'Nuclear receptor coactivator 2'
3 non-polymer 1-[(3R)-3-[(3R,4R,5S,6R,7R,8S,9S,10R,13R,14S,17R)-6-ethyl-4-fluoranyl-10,13-dimethyl-3,7-bis(oxidanyl)-2,3,4,5,6,7,8,9,11,12,14,15,16,17-tetradecahydro-1H-cyclopenta[a]phenanthren-17-yl]butyl]-3-(phenylsulfonyl)urea
4 water water
#
loop_
_entity_poly.entity_id
_entity_poly.type
_entity_poly.pdbx_seq_one_letter_code
_entity_poly.pdbx_strand_id
1 'polypeptide(L)'
;GSHMELTPDQQTLLHFIMDSYNKQRMPQEITNKILKEAFSAEENFLILTEMATNHVQVLVEFTKKLPGFQTLDHEDQIAL
LKGSAVEAMFLRSAEIFNKKLPSGHSDLLEARIRNSGISDEYITPMFSFYKSIGELKMTQEEYALLTAIVILSPDRQYIK
DREAVEKLQEPLLDVLQKLCKIHQPENPQHFACLLGRLTELRTFNHHHAEMLMSWRVNDHKFTPLLCEIWDVQ
;
A,B
2 'polypeptide(L)' KENALLRYLLDKD C,D
#
# COMPACT_ATOMS: atom_id res chain seq x y z
N GLU A 5 -13.64 -7.03 -38.50
CA GLU A 5 -13.82 -8.43 -38.15
C GLU A 5 -12.52 -9.21 -38.34
N LEU A 6 -11.48 -8.47 -38.73
CA LEU A 6 -10.08 -8.89 -38.63
C LEU A 6 -9.61 -9.74 -39.80
N THR A 7 -9.27 -9.07 -40.91
CA THR A 7 -8.56 -9.57 -42.07
C THR A 7 -7.46 -10.54 -41.66
N PRO A 8 -7.01 -11.45 -42.54
CA PRO A 8 -5.95 -12.38 -42.12
C PRO A 8 -4.60 -11.72 -41.95
N ASP A 9 -4.29 -10.67 -42.70
CA ASP A 9 -3.02 -9.97 -42.48
C ASP A 9 -3.01 -9.20 -41.17
N GLN A 10 -4.18 -8.95 -40.57
CA GLN A 10 -4.25 -8.40 -39.22
C GLN A 10 -3.98 -9.48 -38.19
N GLN A 11 -4.60 -10.65 -38.34
CA GLN A 11 -4.34 -11.74 -37.42
C GLN A 11 -2.87 -12.18 -37.46
N THR A 12 -2.15 -11.82 -38.52
CA THR A 12 -0.70 -12.00 -38.56
C THR A 12 0.00 -10.96 -37.71
N LEU A 13 -0.39 -9.70 -37.85
CA LEU A 13 0.10 -8.64 -36.99
C LEU A 13 -0.13 -9.00 -35.53
N LEU A 14 -1.37 -9.34 -35.19
CA LEU A 14 -1.72 -9.61 -33.81
C LEU A 14 -0.90 -10.76 -33.25
N HIS A 15 -0.88 -11.89 -33.95
CA HIS A 15 -0.10 -13.05 -33.51
C HIS A 15 1.34 -12.67 -33.21
N PHE A 16 1.98 -11.98 -34.14
CA PHE A 16 3.37 -11.60 -33.95
C PHE A 16 3.55 -10.80 -32.66
N ILE A 17 2.73 -9.78 -32.49
CA ILE A 17 2.95 -8.86 -31.38
C ILE A 17 2.88 -9.60 -30.06
N MET A 18 1.97 -10.55 -29.94
CA MET A 18 1.93 -11.35 -28.73
C MET A 18 3.18 -12.19 -28.58
N ASP A 19 3.75 -12.67 -29.69
CA ASP A 19 5.10 -13.23 -29.63
C ASP A 19 6.10 -12.16 -29.24
N SER A 20 5.96 -10.98 -29.86
CA SER A 20 6.82 -9.85 -29.54
C SER A 20 6.72 -9.50 -28.06
N TYR A 21 5.52 -9.53 -27.51
CA TYR A 21 5.29 -9.00 -26.18
C TYR A 21 5.83 -9.92 -25.10
N ASN A 22 5.55 -11.22 -25.22
CA ASN A 22 5.84 -12.17 -24.15
C ASN A 22 7.25 -12.72 -24.20
N LYS A 23 7.85 -12.81 -25.37
CA LYS A 23 9.20 -13.35 -25.53
C LYS A 23 10.11 -12.89 -24.41
N GLN A 24 10.06 -11.61 -24.07
CA GLN A 24 10.92 -11.04 -23.05
C GLN A 24 10.15 -10.90 -21.74
N ARG A 25 10.25 -11.94 -20.90
CA ARG A 25 9.97 -11.78 -19.49
C ARG A 25 11.20 -11.18 -18.82
N MET A 26 11.16 -11.07 -17.50
CA MET A 26 12.26 -10.49 -16.75
C MET A 26 12.83 -11.50 -15.76
N PRO A 27 14.09 -11.32 -15.35
CA PRO A 27 14.82 -12.42 -14.70
C PRO A 27 14.13 -12.94 -13.46
N GLN A 28 14.11 -14.27 -13.32
CA GLN A 28 13.81 -14.85 -12.02
C GLN A 28 14.84 -14.43 -10.99
N GLU A 29 16.03 -14.05 -11.43
CA GLU A 29 17.06 -13.55 -10.53
C GLU A 29 16.49 -12.43 -9.70
N ILE A 30 16.21 -11.30 -10.37
CA ILE A 30 15.73 -10.08 -9.73
C ILE A 30 14.27 -10.22 -9.34
N THR A 31 13.85 -11.43 -9.03
CA THR A 31 12.45 -11.71 -8.69
C THR A 31 12.40 -12.52 -7.41
N ASN A 32 13.37 -13.40 -7.22
CA ASN A 32 13.54 -13.97 -5.88
C ASN A 32 13.95 -12.91 -4.88
N LYS A 33 14.27 -11.70 -5.35
CA LYS A 33 14.50 -10.58 -4.44
C LYS A 33 13.18 -9.96 -3.99
N ILE A 34 12.25 -9.76 -4.93
CA ILE A 34 10.94 -9.21 -4.57
C ILE A 34 10.34 -10.00 -3.43
N LEU A 35 10.17 -11.30 -3.64
CA LEU A 35 9.47 -12.17 -2.69
C LEU A 35 10.41 -12.76 -1.63
N LYS A 36 11.55 -12.15 -1.36
CA LYS A 36 12.39 -12.68 -0.30
C LYS A 36 13.28 -11.62 0.33
N GLU A 37 14.04 -10.87 -0.46
CA GLU A 37 14.97 -9.89 0.09
C GLU A 37 14.27 -9.01 1.14
N ALA A 38 15.03 -8.54 2.13
CA ALA A 38 14.47 -7.81 3.26
C ALA A 38 14.11 -6.38 2.88
N PHE A 39 13.58 -5.64 3.86
CA PHE A 39 12.67 -4.51 3.64
C PHE A 39 13.19 -3.24 4.26
N SER A 40 14.07 -2.54 3.57
CA SER A 40 14.36 -1.16 3.90
C SER A 40 14.25 -0.34 2.63
N ALA A 41 14.08 0.96 2.80
CA ALA A 41 14.16 1.85 1.65
C ALA A 41 15.48 1.63 0.90
N GLU A 42 16.59 1.65 1.62
CA GLU A 42 17.90 1.25 1.10
C GLU A 42 17.74 0.06 0.17
N GLU A 43 17.14 -1.02 0.67
CA GLU A 43 16.95 -2.19 -0.18
C GLU A 43 15.96 -1.92 -1.30
N ASN A 44 14.75 -1.47 -0.96
CA ASN A 44 13.67 -1.43 -1.94
C ASN A 44 13.99 -0.53 -3.14
N PHE A 45 14.44 0.70 -2.87
CA PHE A 45 14.84 1.59 -3.96
C PHE A 45 15.74 0.89 -4.95
N LEU A 46 16.64 0.04 -4.45
CA LEU A 46 17.58 -0.63 -5.32
C LEU A 46 16.88 -1.66 -6.18
N ILE A 47 15.92 -2.39 -5.60
CA ILE A 47 15.16 -3.37 -6.35
C ILE A 47 14.44 -2.69 -7.50
N LEU A 48 13.73 -1.62 -7.20
CA LEU A 48 12.87 -1.01 -8.20
C LEU A 48 13.68 -0.47 -9.34
N THR A 49 14.68 0.37 -9.06
CA THR A 49 15.55 0.86 -10.11
C THR A 49 16.06 -0.28 -10.96
N GLU A 50 16.64 -1.30 -10.31
CA GLU A 50 17.14 -2.44 -11.06
C GLU A 50 16.07 -3.02 -11.96
N MET A 51 14.85 -3.17 -11.45
CA MET A 51 13.76 -3.58 -12.34
C MET A 51 13.55 -2.59 -13.46
N ALA A 52 13.41 -1.31 -13.11
CA ALA A 52 13.20 -0.26 -14.12
C ALA A 52 14.22 -0.38 -15.24
N THR A 53 15.49 -0.45 -14.87
CA THR A 53 16.53 -0.70 -15.86
C THR A 53 16.19 -1.94 -16.66
N ASN A 54 15.93 -3.05 -15.96
CA ASN A 54 15.64 -4.32 -16.64
C ASN A 54 14.55 -4.14 -17.68
N HIS A 55 13.53 -3.34 -17.38
CA HIS A 55 12.37 -3.26 -18.24
C HIS A 55 12.57 -2.30 -19.40
N VAL A 56 13.58 -1.44 -19.32
CA VAL A 56 13.88 -0.61 -20.48
C VAL A 56 14.49 -1.48 -21.55
N GLN A 57 15.19 -2.52 -21.12
CA GLN A 57 15.74 -3.50 -22.04
C GLN A 57 14.65 -4.36 -22.63
N VAL A 58 13.71 -4.83 -21.81
CA VAL A 58 12.55 -5.54 -22.35
C VAL A 58 11.80 -4.63 -23.30
N LEU A 59 11.68 -3.35 -22.94
CA LEU A 59 10.95 -2.41 -23.78
C LEU A 59 11.68 -2.09 -25.07
N VAL A 60 13.00 -2.12 -25.09
CA VAL A 60 13.68 -1.86 -26.35
C VAL A 60 13.69 -3.09 -27.23
N GLU A 61 13.90 -4.28 -26.65
CA GLU A 61 13.82 -5.51 -27.43
C GLU A 61 12.50 -5.62 -28.15
N PHE A 62 11.40 -5.35 -27.45
CA PHE A 62 10.08 -5.35 -28.07
C PHE A 62 10.03 -4.30 -29.15
N THR A 63 10.27 -3.05 -28.78
CA THR A 63 10.30 -1.95 -29.74
C THR A 63 11.06 -2.33 -30.98
N LYS A 64 12.26 -2.89 -30.78
CA LYS A 64 13.07 -3.40 -31.89
C LYS A 64 12.25 -4.32 -32.77
N LYS A 65 11.50 -5.25 -32.17
CA LYS A 65 10.84 -6.27 -32.97
C LYS A 65 9.63 -5.72 -33.73
N LEU A 66 9.09 -4.58 -33.32
CA LEU A 66 7.84 -4.09 -33.89
C LEU A 66 7.95 -3.90 -35.40
N PRO A 67 6.84 -4.05 -36.11
CA PRO A 67 6.83 -3.99 -37.57
C PRO A 67 7.29 -2.64 -38.13
N GLY A 68 8.33 -2.71 -38.96
CA GLY A 68 8.83 -1.56 -39.72
C GLY A 68 9.80 -0.69 -38.97
N PHE A 69 9.46 -0.31 -37.73
CA PHE A 69 10.22 0.51 -36.80
C PHE A 69 11.68 0.60 -37.19
N GLN A 70 12.31 -0.56 -37.33
CA GLN A 70 13.69 -0.74 -37.74
C GLN A 70 14.13 0.16 -38.88
N THR A 71 13.21 0.48 -39.80
CA THR A 71 13.55 1.29 -40.97
C THR A 71 13.71 2.76 -40.62
N LEU A 72 12.82 3.30 -39.78
CA LEU A 72 12.82 4.69 -39.34
C LEU A 72 14.21 5.22 -39.06
N ASP A 73 14.39 6.53 -39.28
CA ASP A 73 15.65 7.20 -38.99
C ASP A 73 16.22 6.67 -37.68
N HIS A 74 17.51 6.34 -37.70
CA HIS A 74 18.11 5.82 -36.49
C HIS A 74 17.97 6.83 -35.36
N GLU A 75 18.18 8.11 -35.68
CA GLU A 75 18.03 9.18 -34.72
C GLU A 75 16.56 9.54 -34.45
N ASP A 76 15.62 8.69 -34.84
CA ASP A 76 14.23 8.81 -34.44
C ASP A 76 13.83 7.76 -33.43
N GLN A 77 14.04 6.49 -33.77
CA GLN A 77 13.90 5.39 -32.84
C GLN A 77 14.29 5.81 -31.43
N ILE A 78 15.51 6.34 -31.31
CA ILE A 78 15.98 6.88 -30.03
C ILE A 78 14.97 7.89 -29.50
N ALA A 79 14.45 8.76 -30.37
CA ALA A 79 13.51 9.76 -29.90
C ALA A 79 12.18 9.14 -29.50
N LEU A 80 11.82 8.02 -30.11
CA LEU A 80 10.55 7.37 -29.80
C LEU A 80 10.63 6.58 -28.51
N LEU A 81 11.80 6.03 -28.20
CA LEU A 81 11.99 5.24 -27.01
C LEU A 81 12.36 6.10 -25.81
N LYS A 82 13.05 7.20 -26.03
CA LYS A 82 13.18 8.13 -24.93
C LYS A 82 11.85 8.75 -24.56
N GLY A 83 10.80 8.57 -25.37
CA GLY A 83 9.48 9.03 -25.00
C GLY A 83 8.69 7.99 -24.21
N SER A 84 8.36 6.89 -24.87
CA SER A 84 7.54 5.86 -24.25
C SER A 84 8.18 5.20 -23.05
N ALA A 85 9.51 5.26 -22.93
CA ALA A 85 10.20 4.59 -21.83
C ALA A 85 9.41 4.70 -20.52
N VAL A 86 9.06 5.92 -20.15
CA VAL A 86 8.17 6.13 -19.01
C VAL A 86 6.80 5.58 -19.34
N GLU A 87 6.07 6.26 -20.24
CA GLU A 87 4.63 6.02 -20.36
C GLU A 87 4.32 4.54 -20.47
N ALA A 88 5.06 3.82 -21.32
CA ALA A 88 4.86 2.37 -21.44
C ALA A 88 5.06 1.66 -20.10
N MET A 89 6.04 2.10 -19.30
CA MET A 89 6.20 1.59 -17.93
C MET A 89 4.91 1.69 -17.12
N PHE A 90 4.18 2.81 -17.24
CA PHE A 90 2.91 2.95 -16.53
C PHE A 90 1.91 1.94 -17.02
N LEU A 91 1.98 1.60 -18.31
CA LEU A 91 1.09 0.58 -18.85
C LEU A 91 1.42 -0.78 -18.28
N ARG A 92 2.71 -1.10 -18.15
CA ARG A 92 3.12 -2.33 -17.48
C ARG A 92 2.62 -2.35 -16.05
N SER A 93 3.01 -1.37 -15.25
CA SER A 93 2.58 -1.26 -13.86
C SER A 93 1.10 -1.51 -13.70
N ALA A 94 0.30 -1.15 -14.70
CA ALA A 94 -1.13 -1.46 -14.62
C ALA A 94 -1.36 -2.94 -14.80
N GLU A 95 -0.69 -3.54 -15.78
CA GLU A 95 -0.94 -4.93 -16.10
C GLU A 95 -0.70 -5.83 -14.90
N ILE A 96 0.19 -5.41 -14.01
CA ILE A 96 0.59 -6.23 -12.87
C ILE A 96 -0.11 -5.86 -11.58
N PHE A 97 -0.85 -4.76 -11.56
CA PHE A 97 -1.45 -4.28 -10.34
C PHE A 97 -2.97 -4.46 -10.35
N ASN A 98 -3.64 -3.78 -11.28
CA ASN A 98 -5.10 -3.88 -11.37
C ASN A 98 -5.50 -5.21 -11.98
N LYS A 99 -4.80 -5.61 -13.02
CA LYS A 99 -4.95 -6.97 -13.47
C LYS A 99 -4.15 -7.86 -12.54
N LYS A 100 -4.20 -9.16 -12.83
CA LYS A 100 -3.20 -10.11 -12.38
C LYS A 100 -2.85 -9.90 -10.92
N LEU A 101 -3.75 -10.26 -10.04
CA LEU A 101 -3.42 -10.34 -8.63
C LEU A 101 -3.24 -11.81 -8.28
N PRO A 102 -2.04 -12.39 -8.46
CA PRO A 102 -1.88 -13.83 -8.24
C PRO A 102 -1.81 -14.16 -6.77
N SER A 103 -1.00 -15.17 -6.43
CA SER A 103 -0.62 -15.39 -5.05
C SER A 103 0.87 -15.30 -4.83
N GLY A 104 1.67 -15.31 -5.87
CA GLY A 104 3.09 -15.11 -5.67
C GLY A 104 3.37 -13.70 -5.21
N HIS A 105 3.68 -12.84 -6.19
CA HIS A 105 4.31 -11.56 -5.92
C HIS A 105 3.30 -10.44 -5.98
N SER A 106 3.64 -9.36 -6.68
CA SER A 106 2.73 -8.28 -7.07
C SER A 106 2.25 -7.40 -5.92
N ASP A 107 1.68 -7.99 -4.87
CA ASP A 107 1.30 -7.24 -3.68
C ASP A 107 2.51 -6.95 -2.82
N LEU A 108 3.45 -7.89 -2.77
CA LEU A 108 4.76 -7.60 -2.19
C LEU A 108 5.56 -6.63 -3.07
N LEU A 109 5.17 -6.47 -4.33
CA LEU A 109 5.71 -5.39 -5.14
C LEU A 109 5.20 -4.04 -4.64
N GLU A 110 3.89 -3.82 -4.67
CA GLU A 110 3.32 -2.64 -4.04
C GLU A 110 3.89 -2.40 -2.65
N ALA A 111 4.12 -3.49 -1.89
CA ALA A 111 4.68 -3.34 -0.56
C ALA A 111 5.94 -2.49 -0.61
N ARG A 112 6.88 -2.86 -1.47
CA ARG A 112 8.19 -2.22 -1.49
C ARG A 112 8.12 -0.80 -2.04
N ILE A 113 7.22 -0.54 -2.98
CA ILE A 113 7.04 0.81 -3.48
C ILE A 113 6.54 1.72 -2.39
N ARG A 114 5.76 1.16 -1.45
CA ARG A 114 5.26 1.94 -0.33
C ARG A 114 6.40 2.50 0.51
N ASN A 115 7.39 1.65 0.80
CA ASN A 115 8.59 2.06 1.51
C ASN A 115 9.77 2.09 0.56
N SER A 116 9.76 3.06 -0.35
CA SER A 116 10.87 3.23 -1.27
C SER A 116 11.44 4.63 -1.27
N GLY A 117 11.09 5.46 -0.29
CA GLY A 117 11.39 6.86 -0.36
C GLY A 117 10.52 7.64 -1.32
N ILE A 118 9.75 6.96 -2.17
CA ILE A 118 8.78 7.64 -3.03
C ILE A 118 7.69 8.25 -2.17
N SER A 119 7.32 9.50 -2.47
CA SER A 119 6.44 10.29 -1.62
C SER A 119 4.96 9.95 -1.82
N ASP A 120 4.25 9.80 -0.70
CA ASP A 120 2.85 9.40 -0.71
C ASP A 120 2.01 10.28 -1.60
N GLU A 121 2.20 11.58 -1.50
CA GLU A 121 1.55 12.52 -2.39
C GLU A 121 1.66 12.07 -3.83
N TYR A 122 2.83 11.54 -4.23
CA TYR A 122 3.00 11.03 -5.59
C TYR A 122 2.33 9.68 -5.82
N ILE A 123 2.19 8.87 -4.77
CA ILE A 123 1.77 7.49 -4.95
C ILE A 123 0.24 7.38 -5.01
N THR A 124 -0.43 7.88 -4.00
CA THR A 124 -1.86 7.59 -3.87
C THR A 124 -2.71 8.04 -5.07
N PRO A 125 -2.25 9.00 -5.90
CA PRO A 125 -2.93 9.16 -7.19
C PRO A 125 -2.59 8.01 -8.12
N MET A 126 -1.28 7.77 -8.29
CA MET A 126 -0.83 6.79 -9.27
C MET A 126 -1.47 5.45 -9.04
N PHE A 127 -1.83 5.16 -7.79
CA PHE A 127 -2.49 3.90 -7.55
C PHE A 127 -4.00 4.01 -7.79
N SER A 128 -4.64 5.06 -7.26
CA SER A 128 -6.03 5.34 -7.61
C SER A 128 -6.23 5.39 -9.11
N PHE A 129 -5.16 5.60 -9.86
CA PHE A 129 -5.22 5.47 -11.31
C PHE A 129 -5.17 4.01 -11.71
N TYR A 130 -4.33 3.22 -11.07
CA TYR A 130 -4.29 1.82 -11.41
C TYR A 130 -5.63 1.16 -11.13
N LYS A 131 -6.36 1.67 -10.13
CA LYS A 131 -7.75 1.27 -9.95
C LYS A 131 -8.57 1.61 -11.20
N SER A 132 -8.47 2.85 -11.71
CA SER A 132 -9.27 3.29 -12.85
C SER A 132 -9.11 2.37 -14.05
N ILE A 133 -7.88 2.11 -14.50
CA ILE A 133 -7.77 1.29 -15.70
C ILE A 133 -8.04 -0.16 -15.36
N GLY A 134 -7.95 -0.50 -14.08
CA GLY A 134 -8.44 -1.78 -13.64
C GLY A 134 -9.90 -1.97 -14.03
N GLU A 135 -10.74 -0.98 -13.71
CA GLU A 135 -12.18 -1.09 -13.94
C GLU A 135 -12.52 -1.40 -15.40
N LEU A 136 -11.61 -1.10 -16.34
CA LEU A 136 -11.83 -1.48 -17.72
C LEU A 136 -11.75 -2.98 -17.91
N LYS A 137 -10.98 -3.65 -17.05
CA LYS A 137 -10.64 -5.05 -17.19
C LYS A 137 -10.06 -5.32 -18.57
N MET A 138 -8.76 -5.09 -18.76
CA MET A 138 -8.21 -5.13 -20.09
C MET A 138 -7.61 -6.50 -20.42
N THR A 139 -7.42 -6.73 -21.71
CA THR A 139 -6.88 -7.95 -22.25
C THR A 139 -5.37 -7.84 -22.26
N GLN A 140 -4.69 -8.97 -22.03
CA GLN A 140 -3.29 -9.02 -22.41
C GLN A 140 -3.13 -8.50 -23.82
N GLU A 141 -4.00 -8.96 -24.72
CA GLU A 141 -4.03 -8.42 -26.07
C GLU A 141 -4.21 -6.91 -26.03
N GLU A 142 -4.99 -6.40 -25.08
CA GLU A 142 -5.30 -4.98 -25.09
C GLU A 142 -4.07 -4.17 -24.67
N TYR A 143 -3.42 -4.57 -23.58
CA TYR A 143 -2.18 -3.91 -23.20
C TYR A 143 -1.15 -4.04 -24.31
N ALA A 144 -1.06 -5.23 -24.93
CA ALA A 144 0.00 -5.49 -25.89
C ALA A 144 0.10 -4.37 -26.92
N LEU A 145 -1.02 -4.06 -27.58
CA LEU A 145 -0.96 -3.07 -28.64
C LEU A 145 -0.68 -1.68 -28.09
N LEU A 146 -1.57 -1.20 -27.19
CA LEU A 146 -1.35 0.02 -26.43
C LEU A 146 0.12 0.34 -26.32
N THR A 147 0.86 -0.52 -25.64
CA THR A 147 2.31 -0.37 -25.50
C THR A 147 2.96 -0.08 -26.85
N ALA A 148 2.61 -0.86 -27.87
CA ALA A 148 3.15 -0.62 -29.21
C ALA A 148 2.68 0.73 -29.72
N ILE A 149 1.37 0.98 -29.64
CA ILE A 149 0.88 2.28 -30.07
C ILE A 149 1.69 3.38 -29.43
N VAL A 150 2.03 3.23 -28.15
CA VAL A 150 2.73 4.31 -27.46
C VAL A 150 4.18 4.40 -27.90
N ILE A 151 4.86 3.26 -28.08
CA ILE A 151 6.21 3.29 -28.62
C ILE A 151 6.21 4.12 -29.89
N LEU A 152 5.15 3.95 -30.70
CA LEU A 152 4.99 4.48 -32.05
C LEU A 152 4.11 5.72 -32.07
N SER A 153 4.17 6.56 -31.05
CA SER A 153 3.23 7.67 -31.06
C SER A 153 3.70 8.79 -31.97
N PRO A 154 3.05 8.96 -33.12
CA PRO A 154 3.53 9.83 -34.19
C PRO A 154 4.34 11.05 -33.80
N ASP A 155 3.86 11.89 -32.90
CA ASP A 155 4.54 13.14 -32.60
C ASP A 155 5.03 13.14 -31.16
N ARG A 156 5.99 12.27 -30.85
CA ARG A 156 6.84 12.50 -29.71
C ARG A 156 7.66 13.77 -29.97
N GLN A 157 8.32 14.27 -28.92
CA GLN A 157 9.10 15.48 -29.10
C GLN A 157 10.28 15.22 -30.04
N TYR A 158 10.48 16.12 -31.00
CA TYR A 158 11.73 16.17 -31.79
C TYR A 158 11.84 14.99 -32.75
N ILE A 159 10.78 14.74 -33.48
CA ILE A 159 10.74 13.68 -34.49
C ILE A 159 11.15 14.26 -35.83
N LYS A 160 11.89 13.46 -36.59
CA LYS A 160 12.23 13.87 -37.95
C LYS A 160 10.96 13.89 -38.79
N ASP A 161 10.47 12.71 -39.15
CA ASP A 161 9.32 12.54 -40.04
C ASP A 161 8.19 11.89 -39.26
N ARG A 162 7.08 12.60 -39.10
CA ARG A 162 5.96 12.01 -38.40
C ARG A 162 5.24 10.99 -39.28
N GLU A 163 4.96 11.33 -40.54
CA GLU A 163 4.24 10.42 -41.43
C GLU A 163 4.85 9.03 -41.41
N ALA A 164 6.17 8.96 -41.52
CA ALA A 164 6.88 7.68 -41.39
C ALA A 164 6.42 6.90 -40.15
N VAL A 165 6.15 7.60 -39.05
CA VAL A 165 5.77 6.96 -37.80
C VAL A 165 4.29 6.65 -37.78
N GLU A 166 3.47 7.67 -38.07
CA GLU A 166 2.06 7.49 -38.29
C GLU A 166 1.82 6.26 -39.15
N LYS A 167 2.51 6.20 -40.30
CA LYS A 167 2.48 5.05 -41.19
C LYS A 167 2.47 3.77 -40.37
N LEU A 168 3.52 3.61 -39.57
CA LEU A 168 3.74 2.38 -38.81
C LEU A 168 2.70 2.19 -37.73
N GLN A 169 2.16 3.29 -37.19
CA GLN A 169 1.15 3.17 -36.14
C GLN A 169 -0.15 2.61 -36.68
N GLU A 170 -0.61 3.15 -37.83
CA GLU A 170 -1.99 2.94 -38.28
C GLU A 170 -2.41 1.49 -38.30
N PRO A 171 -1.66 0.55 -38.88
CA PRO A 171 -2.08 -0.86 -38.84
C PRO A 171 -2.36 -1.39 -37.46
N LEU A 172 -1.72 -0.84 -36.44
CA LEU A 172 -1.93 -1.27 -35.07
C LEU A 172 -3.17 -0.63 -34.49
N LEU A 173 -3.38 0.64 -34.79
CA LEU A 173 -4.57 1.32 -34.32
C LEU A 173 -5.83 0.70 -34.90
N ASP A 174 -5.75 0.23 -36.15
CA ASP A 174 -6.94 -0.26 -36.83
C ASP A 174 -7.26 -1.69 -36.44
N VAL A 175 -6.26 -2.47 -36.01
CA VAL A 175 -6.55 -3.76 -35.40
C VAL A 175 -7.36 -3.45 -34.15
N LEU A 176 -6.68 -2.91 -33.13
CA LEU A 176 -7.32 -2.62 -31.86
C LEU A 176 -8.64 -1.87 -32.03
N GLN A 177 -8.78 -1.12 -33.12
CA GLN A 177 -10.08 -0.58 -33.49
C GLN A 177 -11.09 -1.70 -33.60
N LYS A 178 -10.81 -2.65 -34.49
CA LYS A 178 -11.73 -3.78 -34.71
C LYS A 178 -11.80 -4.65 -33.46
N LEU A 179 -10.64 -5.08 -32.95
CA LEU A 179 -10.56 -5.86 -31.72
C LEU A 179 -11.52 -5.35 -30.64
N CYS A 180 -11.57 -4.04 -30.43
CA CYS A 180 -12.55 -3.50 -29.50
C CYS A 180 -13.97 -3.72 -30.01
N LYS A 181 -14.23 -3.32 -31.26
CA LYS A 181 -15.58 -3.44 -31.79
C LYS A 181 -16.07 -4.87 -31.76
N ILE A 182 -15.15 -5.83 -31.96
CA ILE A 182 -15.46 -7.25 -31.91
C ILE A 182 -15.57 -7.70 -30.46
N HIS A 183 -14.43 -7.76 -29.76
CA HIS A 183 -14.40 -8.34 -28.42
C HIS A 183 -15.18 -7.53 -27.39
N GLN A 184 -15.61 -6.31 -27.72
CA GLN A 184 -16.49 -5.53 -26.83
C GLN A 184 -17.44 -4.69 -27.67
N PRO A 185 -18.59 -5.25 -28.05
CA PRO A 185 -19.56 -4.48 -28.84
C PRO A 185 -20.49 -3.62 -28.00
N GLU A 186 -20.54 -3.85 -26.69
CA GLU A 186 -21.60 -3.28 -25.85
C GLU A 186 -21.59 -1.76 -25.86
N ASN A 187 -20.42 -1.15 -25.77
CA ASN A 187 -20.30 0.29 -25.80
C ASN A 187 -19.10 0.70 -26.64
N PRO A 188 -19.33 1.37 -27.77
CA PRO A 188 -18.22 1.68 -28.68
C PRO A 188 -17.36 2.84 -28.22
N GLN A 189 -17.81 3.59 -27.20
CA GLN A 189 -16.98 4.64 -26.64
C GLN A 189 -15.63 4.08 -26.26
N HIS A 190 -15.63 2.84 -25.74
CA HIS A 190 -14.47 2.10 -25.29
C HIS A 190 -13.18 2.46 -26.01
N PHE A 191 -13.09 2.12 -27.30
CA PHE A 191 -11.86 2.34 -28.04
C PHE A 191 -11.35 3.74 -27.81
N ALA A 192 -12.24 4.73 -27.84
CA ALA A 192 -11.83 6.10 -27.56
C ALA A 192 -11.47 6.27 -26.09
N CYS A 193 -12.14 5.56 -25.19
CA CYS A 193 -11.76 5.58 -23.78
C CYS A 193 -10.44 4.89 -23.54
N LEU A 194 -10.01 4.02 -24.43
CA LEU A 194 -8.67 3.48 -24.34
C LEU A 194 -7.67 4.53 -24.75
N LEU A 195 -7.77 4.97 -26.01
CA LEU A 195 -7.00 6.12 -26.50
C LEU A 195 -7.01 7.28 -25.50
N GLY A 196 -8.09 7.45 -24.75
CA GLY A 196 -8.14 8.51 -23.78
C GLY A 196 -7.22 8.27 -22.61
N ARG A 197 -7.11 7.02 -22.17
CA ARG A 197 -6.19 6.67 -21.09
C ARG A 197 -4.76 6.87 -21.52
N LEU A 198 -4.47 6.73 -22.81
CA LEU A 198 -3.17 7.15 -23.30
C LEU A 198 -2.94 8.63 -23.04
N THR A 199 -3.83 9.51 -23.53
CA THR A 199 -3.70 10.93 -23.22
C THR A 199 -3.63 11.13 -21.73
N GLU A 200 -4.43 10.36 -20.98
CA GLU A 200 -4.41 10.50 -19.53
C GLU A 200 -3.06 10.15 -18.97
N LEU A 201 -2.22 9.52 -19.78
CA LEU A 201 -0.91 9.03 -19.39
C LEU A 201 0.20 10.02 -19.67
N ARG A 202 0.13 10.72 -20.81
CA ARG A 202 1.13 11.75 -21.09
C ARG A 202 1.10 12.86 -20.04
N THR A 203 0.02 12.97 -19.27
CA THR A 203 -0.01 13.89 -18.15
C THR A 203 0.77 13.37 -16.96
N PHE A 204 0.90 12.04 -16.88
CA PHE A 204 1.68 11.44 -15.82
C PHE A 204 3.18 11.58 -16.05
N ASN A 205 3.60 11.93 -17.27
CA ASN A 205 5.00 12.23 -17.56
C ASN A 205 5.55 13.32 -16.67
N HIS A 206 4.98 14.53 -16.73
CA HIS A 206 5.51 15.62 -15.93
C HIS A 206 5.60 15.21 -14.46
N HIS A 207 4.48 14.79 -13.90
CA HIS A 207 4.42 14.40 -12.49
C HIS A 207 5.55 13.45 -12.12
N HIS A 208 5.82 12.47 -12.98
CA HIS A 208 6.93 11.55 -12.76
C HIS A 208 8.26 12.29 -12.72
N ALA A 209 8.57 13.00 -13.81
CA ALA A 209 9.86 13.67 -13.92
C ALA A 209 10.10 14.65 -12.80
N GLU A 210 9.04 15.23 -12.24
CA GLU A 210 9.22 16.08 -11.08
C GLU A 210 9.64 15.24 -9.87
N MET A 211 9.08 14.02 -9.76
CA MET A 211 9.31 13.17 -8.60
C MET A 211 10.77 12.76 -8.52
N LEU A 212 11.37 12.55 -9.67
CA LEU A 212 12.79 12.25 -9.71
C LEU A 212 13.59 13.35 -9.01
N MET A 213 13.21 14.61 -9.22
CA MET A 213 13.92 15.70 -8.55
C MET A 213 13.61 15.70 -7.06
N SER A 214 13.62 14.52 -6.42
CA SER A 214 13.29 14.41 -5.00
C SER A 214 13.55 13.01 -4.47
N TRP A 215 13.49 11.99 -5.31
CA TRP A 215 13.65 10.62 -4.84
C TRP A 215 15.11 10.33 -4.48
N ARG A 216 15.37 9.98 -3.23
CA ARG A 216 16.76 9.83 -2.81
C ARG A 216 16.80 8.96 -1.56
N VAL A 217 17.79 8.06 -1.49
CA VAL A 217 17.97 7.19 -0.35
C VAL A 217 19.46 7.17 -0.01
N ASN A 218 19.75 6.92 1.27
CA ASN A 218 21.08 6.70 1.83
C ASN A 218 22.22 6.83 0.83
N ASP A 219 22.33 8.00 0.19
CA ASP A 219 23.40 8.28 -0.75
C ASP A 219 23.49 7.21 -1.84
N HIS A 220 22.33 6.76 -2.30
CA HIS A 220 22.27 5.87 -3.45
C HIS A 220 22.06 6.68 -4.71
N LYS A 221 22.39 6.08 -5.84
CA LYS A 221 22.32 6.77 -7.12
C LYS A 221 21.68 5.86 -8.14
N PHE A 222 21.10 6.47 -9.17
CA PHE A 222 20.31 5.74 -10.14
C PHE A 222 21.19 5.06 -11.18
N THR A 223 20.74 3.92 -11.70
CA THR A 223 21.53 3.20 -12.66
C THR A 223 21.75 4.09 -13.88
N PRO A 224 22.89 3.96 -14.57
CA PRO A 224 23.26 4.95 -15.59
C PRO A 224 22.33 4.98 -16.78
N LEU A 225 21.86 3.82 -17.22
CA LEU A 225 20.82 3.76 -18.23
C LEU A 225 19.59 4.49 -17.76
N LEU A 226 19.18 4.25 -16.52
CA LEU A 226 18.00 4.92 -16.02
C LEU A 226 18.14 6.42 -16.19
N CYS A 227 19.23 6.99 -15.64
CA CYS A 227 19.48 8.41 -15.72
C CYS A 227 19.39 8.92 -17.14
N GLU A 228 20.01 8.19 -18.07
CA GLU A 228 19.98 8.62 -19.46
C GLU A 228 18.56 8.78 -19.93
N ILE A 229 17.73 7.77 -19.68
CA ILE A 229 16.44 7.64 -20.35
C ILE A 229 15.30 8.28 -19.56
N TRP A 230 15.52 8.66 -18.30
CA TRP A 230 14.65 9.58 -17.58
C TRP A 230 15.27 10.97 -17.43
N ASP A 231 16.21 11.33 -18.31
CA ASP A 231 16.89 12.64 -18.33
C ASP A 231 17.16 13.23 -16.94
N VAL A 232 17.53 12.36 -15.98
CA VAL A 232 17.72 12.76 -14.59
C VAL A 232 18.83 13.80 -14.46
N GLN A 233 18.51 14.93 -13.82
CA GLN A 233 19.48 15.98 -13.48
C GLN A 233 20.45 16.33 -14.63
N MET B 4 13.24 17.59 37.09
CA MET B 4 12.00 17.10 37.65
C MET B 4 11.73 15.66 37.25
N GLU B 5 12.49 14.73 37.83
CA GLU B 5 12.37 13.33 37.43
C GLU B 5 11.16 12.69 38.10
N LEU B 6 10.88 11.45 37.70
CA LEU B 6 9.73 10.73 38.22
C LEU B 6 10.06 10.15 39.59
N THR B 7 9.00 9.79 40.31
CA THR B 7 9.13 9.23 41.65
C THR B 7 9.43 7.73 41.52
N PRO B 8 9.70 7.03 42.64
CA PRO B 8 9.85 5.57 42.55
C PRO B 8 8.50 4.88 42.41
N ASP B 9 7.48 5.39 43.09
CA ASP B 9 6.14 4.85 42.95
C ASP B 9 5.69 4.90 41.50
N GLN B 10 5.72 6.10 40.91
CA GLN B 10 5.47 6.25 39.48
C GLN B 10 6.39 5.37 38.64
N GLN B 11 7.67 5.31 39.02
CA GLN B 11 8.62 4.49 38.28
C GLN B 11 8.25 3.02 38.35
N THR B 12 7.53 2.62 39.40
CA THR B 12 7.19 1.21 39.55
C THR B 12 5.93 0.85 38.76
N LEU B 13 4.92 1.73 38.78
CA LEU B 13 3.75 1.47 37.93
C LEU B 13 4.16 1.36 36.47
N LEU B 14 4.97 2.31 36.00
CA LEU B 14 5.53 2.25 34.66
C LEU B 14 6.11 0.88 34.36
N HIS B 15 7.05 0.45 35.18
CA HIS B 15 7.66 -0.86 34.93
C HIS B 15 6.69 -2.01 35.21
N PHE B 16 5.61 -1.76 35.96
CA PHE B 16 4.49 -2.69 35.94
C PHE B 16 3.85 -2.71 34.57
N ILE B 17 3.54 -1.54 34.03
CA ILE B 17 2.74 -1.44 32.81
C ILE B 17 3.48 -2.07 31.64
N MET B 18 4.72 -1.68 31.45
CA MET B 18 5.50 -2.23 30.35
C MET B 18 5.48 -3.74 30.45
N ASP B 19 6.14 -4.24 31.51
CA ASP B 19 6.31 -5.65 31.78
C ASP B 19 5.05 -6.43 31.47
N SER B 20 3.90 -5.85 31.80
CA SER B 20 2.62 -6.48 31.49
C SER B 20 2.12 -6.15 30.11
N TYR B 21 2.52 -5.01 29.56
CA TYR B 21 2.18 -4.72 28.17
C TYR B 21 2.99 -5.62 27.25
N ASN B 22 4.31 -5.60 27.42
CA ASN B 22 5.19 -6.30 26.50
C ASN B 22 5.12 -7.81 26.67
N LYS B 23 4.91 -8.28 27.92
CA LYS B 23 4.68 -9.70 28.14
C LYS B 23 3.70 -10.25 27.13
N GLN B 24 2.53 -9.62 27.05
CA GLN B 24 1.49 -10.08 26.13
C GLN B 24 1.95 -9.99 24.70
N ARG B 25 2.38 -11.13 24.15
CA ARG B 25 2.75 -11.22 22.75
C ARG B 25 1.61 -11.87 21.96
N MET B 26 1.71 -11.77 20.66
CA MET B 26 0.79 -12.50 19.81
C MET B 26 1.45 -13.78 19.30
N PRO B 27 0.66 -14.85 19.10
CA PRO B 27 1.22 -16.19 18.85
C PRO B 27 1.92 -16.31 17.50
N GLN B 28 3.21 -16.64 17.55
CA GLN B 28 4.04 -16.69 16.34
C GLN B 28 3.50 -17.66 15.30
N GLU B 29 2.63 -18.59 15.69
CA GLU B 29 1.95 -19.43 14.71
C GLU B 29 1.38 -18.56 13.60
N ILE B 30 0.82 -17.42 13.99
CA ILE B 30 0.27 -16.45 13.05
C ILE B 30 1.34 -15.50 12.54
N THR B 31 2.21 -15.03 13.44
CA THR B 31 3.35 -14.22 13.05
C THR B 31 4.11 -14.88 11.90
N ASN B 32 4.18 -16.21 11.91
CA ASN B 32 4.69 -16.91 10.74
C ASN B 32 3.72 -16.81 9.57
N LYS B 33 2.42 -16.96 9.83
CA LYS B 33 1.42 -17.01 8.76
C LYS B 33 1.43 -15.74 7.92
N ILE B 34 1.51 -14.58 8.58
CA ILE B 34 1.55 -13.32 7.84
C ILE B 34 2.70 -13.34 6.85
N LEU B 35 3.90 -13.68 7.31
CA LEU B 35 5.05 -13.84 6.42
C LEU B 35 5.05 -15.24 5.81
N LYS B 36 3.93 -15.66 5.22
CA LYS B 36 3.84 -17.01 4.67
C LYS B 36 2.68 -17.18 3.70
N GLU B 37 1.45 -17.20 4.23
CA GLU B 37 0.33 -17.85 3.55
C GLU B 37 -0.02 -17.15 2.23
N ALA B 38 -0.91 -17.82 1.49
CA ALA B 38 -1.31 -17.38 0.16
C ALA B 38 -1.93 -16.00 0.22
N PHE B 39 -1.87 -15.31 -0.92
CA PHE B 39 -2.33 -13.93 -0.97
C PHE B 39 -3.68 -13.84 -1.64
N SER B 40 -4.62 -14.63 -1.16
CA SER B 40 -5.95 -14.55 -1.70
C SER B 40 -6.74 -13.51 -0.92
N ALA B 41 -7.64 -12.81 -1.62
CA ALA B 41 -8.57 -11.91 -0.95
C ALA B 41 -9.03 -12.54 0.35
N GLU B 42 -9.54 -13.76 0.24
CA GLU B 42 -10.06 -14.50 1.37
C GLU B 42 -8.99 -14.76 2.42
N GLU B 43 -7.91 -15.43 2.04
CA GLU B 43 -6.91 -15.79 3.05
C GLU B 43 -6.44 -14.57 3.82
N ASN B 44 -6.44 -13.40 3.17
CA ASN B 44 -6.10 -12.14 3.83
C ASN B 44 -7.03 -11.86 5.00
N PHE B 45 -8.33 -12.03 4.76
CA PHE B 45 -9.35 -11.68 5.73
C PHE B 45 -9.36 -12.65 6.89
N LEU B 46 -9.23 -13.95 6.58
CA LEU B 46 -9.06 -14.93 7.64
C LEU B 46 -7.83 -14.60 8.48
N ILE B 47 -6.69 -14.34 7.83
CA ILE B 47 -5.48 -14.05 8.57
C ILE B 47 -5.67 -12.84 9.49
N LEU B 48 -6.59 -11.95 9.15
CA LEU B 48 -6.76 -10.74 9.94
C LEU B 48 -7.72 -10.95 11.10
N THR B 49 -8.87 -11.57 10.85
CA THR B 49 -9.79 -11.84 11.93
C THR B 49 -9.16 -12.70 13.01
N GLU B 50 -8.26 -13.60 12.62
CA GLU B 50 -7.37 -14.21 13.59
C GLU B 50 -6.69 -13.16 14.45
N MET B 51 -5.91 -12.28 13.79
CA MET B 51 -5.15 -11.23 14.46
C MET B 51 -6.04 -10.41 15.38
N ALA B 52 -7.18 -9.97 14.86
CA ALA B 52 -8.20 -9.34 15.67
C ALA B 52 -8.49 -10.14 16.92
N THR B 53 -9.13 -11.31 16.73
CA THR B 53 -9.57 -12.11 17.86
C THR B 53 -8.41 -12.39 18.81
N ASN B 54 -7.27 -12.82 18.28
CA ASN B 54 -6.13 -13.07 19.16
C ASN B 54 -5.77 -11.82 19.96
N HIS B 55 -5.89 -10.64 19.36
CA HIS B 55 -5.56 -9.39 20.04
C HIS B 55 -6.50 -9.10 21.20
N VAL B 56 -7.81 -9.16 20.95
CA VAL B 56 -8.83 -9.01 21.96
C VAL B 56 -8.51 -9.79 23.23
N GLN B 57 -8.13 -11.06 23.06
CA GLN B 57 -7.70 -11.89 24.17
C GLN B 57 -6.57 -11.23 24.95
N VAL B 58 -5.55 -10.77 24.21
CA VAL B 58 -4.42 -10.06 24.81
C VAL B 58 -4.89 -8.79 25.50
N LEU B 59 -5.78 -8.04 24.87
CA LEU B 59 -6.38 -6.90 25.53
C LEU B 59 -6.89 -7.28 26.89
N VAL B 60 -7.88 -8.20 26.92
CA VAL B 60 -8.54 -8.63 28.16
C VAL B 60 -7.54 -9.04 29.22
N GLU B 61 -6.58 -9.89 28.84
CA GLU B 61 -5.43 -10.14 29.69
C GLU B 61 -4.83 -8.82 30.22
N PHE B 62 -4.50 -7.89 29.31
CA PHE B 62 -3.82 -6.65 29.71
C PHE B 62 -4.65 -5.83 30.67
N THR B 63 -5.92 -5.59 30.34
CA THR B 63 -6.83 -4.90 31.26
C THR B 63 -6.84 -5.54 32.65
N LYS B 64 -6.98 -6.88 32.69
CA LYS B 64 -7.10 -7.58 33.97
C LYS B 64 -5.86 -7.40 34.86
N LYS B 65 -4.71 -7.15 34.25
CA LYS B 65 -3.55 -6.81 35.05
C LYS B 65 -3.61 -5.39 35.58
N LEU B 66 -4.33 -4.49 34.91
CA LEU B 66 -4.26 -3.07 35.21
C LEU B 66 -4.56 -2.81 36.68
N PRO B 67 -3.74 -2.02 37.38
CA PRO B 67 -3.92 -1.86 38.82
C PRO B 67 -5.32 -1.37 39.13
N GLY B 68 -5.97 -2.04 40.08
CA GLY B 68 -7.28 -1.63 40.53
C GLY B 68 -8.43 -2.10 39.69
N PHE B 69 -8.21 -2.61 38.47
CA PHE B 69 -9.34 -3.06 37.65
C PHE B 69 -10.16 -4.08 38.40
N GLN B 70 -9.49 -5.01 39.07
CA GLN B 70 -10.06 -5.96 40.01
C GLN B 70 -11.32 -5.43 40.66
N THR B 71 -11.29 -4.16 41.09
CA THR B 71 -12.21 -3.66 42.09
C THR B 71 -13.46 -3.05 41.49
N LEU B 72 -13.82 -3.44 40.29
CA LEU B 72 -14.85 -2.75 39.52
C LEU B 72 -16.07 -3.63 39.33
N ASP B 73 -17.24 -3.09 39.64
CA ASP B 73 -18.52 -3.68 39.25
C ASP B 73 -18.38 -4.44 37.94
N HIS B 74 -18.68 -5.73 37.94
CA HIS B 74 -18.44 -6.55 36.75
C HIS B 74 -19.16 -6.02 35.53
N GLU B 75 -20.34 -5.45 35.72
CA GLU B 75 -21.03 -4.81 34.60
C GLU B 75 -20.23 -3.63 34.06
N ASP B 76 -19.27 -3.12 34.82
CA ASP B 76 -18.41 -2.03 34.39
C ASP B 76 -17.08 -2.52 33.85
N GLN B 77 -16.60 -3.67 34.32
CA GLN B 77 -15.52 -4.32 33.60
C GLN B 77 -15.94 -4.57 32.16
N ILE B 78 -17.11 -5.17 31.98
CA ILE B 78 -17.60 -5.42 30.62
C ILE B 78 -17.59 -4.12 29.83
N ALA B 79 -18.36 -3.15 30.33
CA ALA B 79 -18.61 -1.90 29.62
C ALA B 79 -17.31 -1.25 29.16
N LEU B 80 -16.29 -1.27 30.02
CA LEU B 80 -15.02 -0.67 29.66
C LEU B 80 -14.36 -1.40 28.49
N LEU B 81 -14.31 -2.72 28.54
CA LEU B 81 -13.61 -3.45 27.49
C LEU B 81 -14.34 -3.42 26.16
N LYS B 82 -15.66 -3.24 26.16
CA LYS B 82 -16.27 -3.14 24.86
C LYS B 82 -16.03 -1.75 24.29
N GLY B 83 -16.15 -0.71 25.15
CA GLY B 83 -15.89 0.65 24.69
C GLY B 83 -14.48 0.80 24.17
N SER B 84 -13.51 0.39 24.96
CA SER B 84 -12.11 0.60 24.63
C SER B 84 -11.68 -0.19 23.39
N ALA B 85 -12.05 -1.48 23.33
CA ALA B 85 -11.31 -2.48 22.54
C ALA B 85 -10.97 -2.00 21.14
N VAL B 86 -11.94 -1.41 20.43
CA VAL B 86 -11.69 -0.90 19.09
C VAL B 86 -10.54 0.09 19.13
N GLU B 87 -10.76 1.20 19.83
CA GLU B 87 -9.74 2.22 19.98
C GLU B 87 -8.44 1.62 20.48
N ALA B 88 -8.51 0.74 21.47
CA ALA B 88 -7.31 0.03 21.91
C ALA B 88 -6.53 -0.55 20.74
N MET B 89 -7.24 -1.16 19.76
CA MET B 89 -6.59 -1.80 18.61
C MET B 89 -5.96 -0.79 17.66
N PHE B 90 -6.66 0.33 17.41
CA PHE B 90 -6.11 1.45 16.65
C PHE B 90 -4.75 1.90 17.17
N LEU B 91 -4.47 1.74 18.46
CA LEU B 91 -3.16 2.14 18.95
C LEU B 91 -2.10 1.09 18.67
N ARG B 92 -2.38 -0.18 18.97
CA ARG B 92 -1.44 -1.23 18.56
C ARG B 92 -1.18 -1.11 17.08
N SER B 93 -2.23 -0.84 16.30
CA SER B 93 -2.07 -0.57 14.88
C SER B 93 -1.07 0.53 14.63
N ALA B 94 -1.28 1.69 15.27
CA ALA B 94 -0.38 2.80 15.02
C ALA B 94 1.02 2.52 15.50
N GLU B 95 1.15 1.64 16.50
CA GLU B 95 2.46 1.19 16.96
C GLU B 95 3.15 0.36 15.89
N ILE B 96 2.41 -0.59 15.30
CA ILE B 96 2.97 -1.57 14.40
C ILE B 96 3.37 -0.94 13.08
N PHE B 97 2.57 -0.01 12.59
CA PHE B 97 2.74 0.42 11.22
C PHE B 97 3.73 1.55 11.05
N ASN B 98 4.47 1.93 12.09
CA ASN B 98 5.66 2.74 11.84
C ASN B 98 6.80 2.33 12.75
N LYS B 99 6.96 1.02 12.91
CA LYS B 99 8.14 0.42 13.52
C LYS B 99 9.03 -0.15 12.43
N GLY B 104 11.62 -2.66 11.46
CA GLY B 104 11.26 -4.04 11.30
C GLY B 104 11.26 -4.45 9.85
N HIS B 105 10.79 -5.67 9.57
CA HIS B 105 10.77 -6.28 8.21
C HIS B 105 9.55 -7.19 8.06
N SER B 106 8.38 -6.59 8.24
CA SER B 106 7.10 -7.21 7.95
C SER B 106 6.08 -6.12 7.59
N ASP B 107 6.22 -5.56 6.38
CA ASP B 107 5.25 -4.62 5.80
C ASP B 107 4.08 -5.31 5.15
N LEU B 108 4.11 -6.64 5.07
CA LEU B 108 3.03 -7.39 4.44
C LEU B 108 1.69 -7.27 5.17
N LEU B 109 1.71 -6.91 6.46
CA LEU B 109 0.44 -6.70 7.16
C LEU B 109 -0.36 -5.61 6.46
N GLU B 110 0.30 -4.48 6.15
CA GLU B 110 -0.33 -3.47 5.30
C GLU B 110 -0.78 -4.09 3.99
N ALA B 111 0.07 -4.92 3.39
CA ALA B 111 -0.22 -5.54 2.10
C ALA B 111 -1.46 -6.41 2.15
N ARG B 112 -1.55 -7.28 3.16
CA ARG B 112 -2.73 -8.14 3.34
C ARG B 112 -4.00 -7.31 3.45
N ILE B 113 -3.94 -6.19 4.16
CA ILE B 113 -5.12 -5.34 4.38
C ILE B 113 -5.58 -4.71 3.09
N ARG B 114 -4.64 -4.35 2.21
CA ARG B 114 -4.93 -3.72 0.93
C ARG B 114 -5.31 -4.76 -0.11
N ASN B 115 -5.90 -5.87 0.34
CA ASN B 115 -6.56 -6.85 -0.53
C ASN B 115 -7.39 -7.83 0.29
N SER B 116 -8.03 -7.34 1.36
CA SER B 116 -8.73 -8.20 2.30
C SER B 116 -10.23 -7.94 2.33
N GLY B 117 -10.76 -7.24 1.34
CA GLY B 117 -12.18 -6.99 1.24
C GLY B 117 -12.65 -5.68 1.80
N ILE B 118 -11.76 -4.89 2.39
CA ILE B 118 -12.11 -3.58 2.92
C ILE B 118 -12.05 -2.57 1.79
N SER B 119 -12.94 -1.56 1.84
CA SER B 119 -12.96 -0.53 0.80
C SER B 119 -11.71 0.33 0.84
N ASP B 120 -11.26 0.73 -0.34
CA ASP B 120 -10.10 1.61 -0.41
C ASP B 120 -10.43 3.01 0.11
N GLU B 121 -11.71 3.38 0.14
CA GLU B 121 -12.08 4.63 0.78
C GLU B 121 -11.98 4.52 2.29
N TYR B 122 -12.22 3.34 2.86
CA TYR B 122 -12.00 3.23 4.30
C TYR B 122 -10.53 3.22 4.62
N ILE B 123 -9.76 2.46 3.84
CA ILE B 123 -8.41 2.09 4.24
C ILE B 123 -7.51 3.30 4.28
N THR B 124 -7.60 4.15 3.27
CA THR B 124 -6.62 5.22 3.10
C THR B 124 -6.57 6.21 4.25
N PRO B 125 -7.70 6.71 4.78
CA PRO B 125 -7.60 7.64 5.91
C PRO B 125 -6.91 7.02 7.10
N MET B 126 -7.32 5.80 7.47
CA MET B 126 -6.78 5.09 8.63
C MET B 126 -5.27 5.10 8.60
N PHE B 127 -4.71 4.78 7.46
CA PHE B 127 -3.27 4.84 7.37
C PHE B 127 -2.78 6.28 7.47
N SER B 128 -3.46 7.22 6.77
CA SER B 128 -3.07 8.63 6.85
C SER B 128 -3.05 9.12 8.29
N PHE B 129 -3.98 8.60 9.08
CA PHE B 129 -3.99 8.88 10.51
C PHE B 129 -2.83 8.19 11.20
N TYR B 130 -2.62 6.91 10.88
CA TYR B 130 -1.51 6.13 11.40
C TYR B 130 -0.17 6.80 11.12
N LYS B 131 0.01 7.29 9.89
CA LYS B 131 1.21 8.03 9.54
C LYS B 131 1.37 9.27 10.41
N SER B 132 0.32 10.06 10.52
CA SER B 132 0.34 11.24 11.38
C SER B 132 0.85 10.89 12.78
N ILE B 133 0.30 9.86 13.40
CA ILE B 133 0.74 9.48 14.73
C ILE B 133 2.16 8.93 14.74
N GLY B 134 2.64 8.43 13.60
CA GLY B 134 4.07 8.23 13.44
C GLY B 134 4.87 9.49 13.75
N GLU B 135 4.38 10.65 13.29
CA GLU B 135 5.16 11.88 13.42
C GLU B 135 5.48 12.20 14.87
N LEU B 136 4.52 12.00 15.78
CA LEU B 136 4.80 12.23 17.19
C LEU B 136 5.99 11.41 17.66
N LYS B 137 6.21 10.23 17.06
CA LYS B 137 7.35 9.37 17.38
C LYS B 137 7.35 8.95 18.85
N MET B 138 6.63 7.88 19.20
CA MET B 138 6.21 7.66 20.58
C MET B 138 6.88 6.44 21.22
N THR B 139 7.56 6.69 22.34
CA THR B 139 8.16 5.63 23.15
C THR B 139 7.15 4.51 23.42
N GLN B 140 7.63 3.26 23.32
CA GLN B 140 6.74 2.14 23.58
C GLN B 140 6.09 2.27 24.94
N GLU B 141 6.81 2.90 25.88
CA GLU B 141 6.24 3.43 27.11
C GLU B 141 4.95 4.16 26.79
N GLU B 142 5.05 5.26 26.03
CA GLU B 142 3.90 6.14 25.81
C GLU B 142 2.71 5.38 25.25
N TYR B 143 2.95 4.41 24.37
CA TYR B 143 1.84 3.62 23.85
C TYR B 143 1.18 2.81 24.94
N ALA B 144 1.97 2.27 25.88
CA ALA B 144 1.41 1.50 26.98
C ALA B 144 0.45 2.37 27.78
N LEU B 145 0.98 3.44 28.35
CA LEU B 145 0.18 4.37 29.15
C LEU B 145 -1.02 4.88 28.38
N LEU B 146 -0.81 5.32 27.14
CA LEU B 146 -1.92 5.84 26.37
C LEU B 146 -2.98 4.77 26.18
N THR B 147 -2.56 3.51 26.02
CA THR B 147 -3.53 2.43 25.95
C THR B 147 -4.25 2.25 27.28
N ALA B 148 -3.50 2.13 28.37
CA ALA B 148 -4.14 1.99 29.67
C ALA B 148 -5.13 3.11 29.92
N ILE B 149 -4.81 4.31 29.47
CA ILE B 149 -5.70 5.44 29.66
C ILE B 149 -6.96 5.28 28.83
N VAL B 150 -6.82 4.85 27.57
CA VAL B 150 -8.01 4.64 26.73
C VAL B 150 -8.91 3.56 27.33
N ILE B 151 -8.32 2.42 27.70
CA ILE B 151 -9.05 1.38 28.40
C ILE B 151 -9.83 2.01 29.54
N LEU B 152 -9.11 2.43 30.57
CA LEU B 152 -9.74 2.85 31.81
C LEU B 152 -10.50 4.17 31.67
N SER B 153 -11.23 4.35 30.58
CA SER B 153 -11.75 5.67 30.26
C SER B 153 -13.16 5.79 30.79
N PRO B 154 -13.45 6.72 31.72
CA PRO B 154 -14.72 6.62 32.48
C PRO B 154 -15.96 6.89 31.67
N ASP B 155 -15.86 7.67 30.60
CA ASP B 155 -17.01 8.19 29.86
C ASP B 155 -17.56 7.24 28.81
N ARG B 156 -17.44 5.94 29.01
CA ARG B 156 -18.05 4.98 28.10
C ARG B 156 -19.54 4.88 28.36
N GLN B 157 -20.27 4.49 27.34
CA GLN B 157 -21.68 4.23 27.52
C GLN B 157 -21.86 2.95 28.33
N TYR B 158 -22.84 2.96 29.21
CA TYR B 158 -23.18 1.81 30.03
C TYR B 158 -22.19 1.60 31.18
N ILE B 159 -21.63 2.69 31.71
CA ILE B 159 -20.58 2.61 32.72
C ILE B 159 -21.15 3.08 34.04
N LYS B 160 -21.75 2.16 34.80
CA LYS B 160 -22.54 2.47 35.99
C LYS B 160 -21.83 3.48 36.88
N ASP B 161 -20.81 3.05 37.59
CA ASP B 161 -20.10 3.98 38.48
C ASP B 161 -18.89 4.51 37.72
N ARG B 162 -18.99 5.76 37.26
CA ARG B 162 -17.79 6.47 36.83
C ARG B 162 -17.00 6.74 38.10
N GLU B 163 -16.45 7.93 38.26
CA GLU B 163 -15.67 8.25 39.46
C GLU B 163 -14.68 7.15 39.76
N ALA B 164 -15.16 6.04 40.33
CA ALA B 164 -14.38 4.83 40.51
C ALA B 164 -13.42 4.56 39.36
N VAL B 165 -13.86 4.88 38.13
CA VAL B 165 -12.99 4.71 36.97
C VAL B 165 -12.04 5.89 36.85
N GLU B 166 -12.57 7.12 36.93
CA GLU B 166 -11.74 8.31 37.02
C GLU B 166 -10.56 8.07 37.95
N LYS B 167 -10.84 7.58 39.16
CA LYS B 167 -9.80 7.38 40.16
C LYS B 167 -8.85 6.25 39.79
N LEU B 168 -9.31 5.32 38.94
CA LEU B 168 -8.45 4.26 38.40
C LEU B 168 -7.51 4.80 37.34
N GLN B 169 -8.03 5.65 36.46
CA GLN B 169 -7.24 6.18 35.36
C GLN B 169 -6.28 7.26 35.81
N GLU B 170 -6.56 7.89 36.95
CA GLU B 170 -5.79 9.06 37.39
C GLU B 170 -4.30 8.77 37.54
N PRO B 171 -3.85 7.71 38.21
CA PRO B 171 -2.40 7.44 38.22
C PRO B 171 -1.80 7.42 36.81
N LEU B 172 -2.44 6.71 35.88
CA LEU B 172 -1.88 6.50 34.56
C LEU B 172 -1.68 7.83 33.84
N LEU B 173 -2.70 8.70 33.88
CA LEU B 173 -2.52 10.04 33.38
C LEU B 173 -1.31 10.64 34.08
N ASP B 174 -1.48 11.00 35.34
CA ASP B 174 -0.45 11.63 36.16
C ASP B 174 0.99 11.24 35.79
N VAL B 175 1.22 9.93 35.59
CA VAL B 175 2.55 9.46 35.21
C VAL B 175 2.94 10.04 33.85
N LEU B 176 2.03 9.95 32.89
CA LEU B 176 2.24 10.53 31.56
C LEU B 176 2.62 12.01 31.65
N GLN B 177 1.86 12.80 32.41
CA GLN B 177 2.10 14.23 32.44
C GLN B 177 3.52 14.54 32.86
N LYS B 178 4.11 13.70 33.71
CA LYS B 178 5.53 13.90 34.03
C LYS B 178 6.40 13.61 32.82
N LEU B 179 6.21 12.47 32.17
CA LEU B 179 7.08 12.07 31.07
C LEU B 179 7.20 13.17 30.02
N CYS B 180 6.07 13.77 29.64
CA CYS B 180 6.08 14.86 28.67
C CYS B 180 6.92 16.04 29.14
N LYS B 181 7.12 16.17 30.45
CA LYS B 181 8.13 17.11 30.94
C LYS B 181 9.51 16.46 30.92
N ILE B 182 9.66 15.29 31.54
CA ILE B 182 10.94 14.62 31.72
C ILE B 182 11.33 13.85 30.47
N HIS B 183 11.09 14.42 29.28
CA HIS B 183 11.54 13.81 28.03
C HIS B 183 11.32 14.73 26.83
N GLN B 184 10.57 15.81 27.02
CA GLN B 184 10.38 16.77 25.94
C GLN B 184 9.90 18.10 26.51
N PRO B 185 10.65 18.72 27.43
CA PRO B 185 10.22 20.01 27.99
C PRO B 185 10.27 21.15 27.00
N GLU B 186 10.65 20.86 25.75
CA GLU B 186 10.58 21.82 24.66
C GLU B 186 9.17 22.42 24.59
N ASN B 187 8.26 21.74 23.89
CA ASN B 187 6.88 22.21 23.79
C ASN B 187 6.10 21.79 25.04
N PRO B 188 5.45 22.72 25.73
CA PRO B 188 4.73 22.36 26.96
C PRO B 188 3.38 21.74 26.66
N GLN B 189 2.64 22.32 25.72
CA GLN B 189 1.30 21.84 25.41
C GLN B 189 1.36 20.47 24.77
N HIS B 190 2.35 19.66 25.13
CA HIS B 190 2.42 18.32 24.56
C HIS B 190 1.42 17.37 25.20
N PHE B 191 1.40 17.32 26.53
CA PHE B 191 0.46 16.46 27.21
C PHE B 191 -0.90 16.49 26.54
N ALA B 192 -1.40 17.69 26.24
CA ALA B 192 -2.66 17.80 25.52
C ALA B 192 -2.51 17.46 24.05
N CYS B 193 -1.29 17.52 23.52
CA CYS B 193 -1.08 16.97 22.19
C CYS B 193 -1.55 15.55 22.17
N LEU B 194 -0.96 14.73 23.03
CA LEU B 194 -1.35 13.32 23.13
C LEU B 194 -2.82 13.20 23.52
N LEU B 195 -3.21 13.74 24.66
CA LEU B 195 -4.61 13.62 25.08
C LEU B 195 -5.63 14.11 24.03
N GLY B 196 -5.18 14.78 22.97
CA GLY B 196 -6.11 15.18 21.94
C GLY B 196 -6.18 14.20 20.81
N ARG B 197 -5.01 13.71 20.38
CA ARG B 197 -4.93 12.56 19.49
C ARG B 197 -5.76 11.40 20.04
N LEU B 198 -5.69 11.21 21.35
CA LEU B 198 -6.60 10.33 22.06
C LEU B 198 -8.04 10.55 21.62
N THR B 199 -8.54 11.76 21.85
CA THR B 199 -9.93 12.15 21.57
C THR B 199 -10.28 11.96 20.11
N GLU B 200 -9.29 12.12 19.21
CA GLU B 200 -9.47 11.88 17.79
C GLU B 200 -9.79 10.42 17.49
N LEU B 201 -9.13 9.51 18.19
CA LEU B 201 -9.35 8.08 17.96
C LEU B 201 -10.77 7.68 18.32
N ARG B 202 -11.36 8.34 19.32
CA ARG B 202 -12.74 8.09 19.71
C ARG B 202 -13.73 8.51 18.65
N THR B 203 -13.29 9.04 17.52
CA THR B 203 -14.17 9.13 16.37
C THR B 203 -14.06 7.90 15.48
N PHE B 204 -12.83 7.56 15.07
CA PHE B 204 -12.54 6.53 14.07
C PHE B 204 -13.25 5.21 14.28
N ASN B 205 -13.94 5.04 15.40
CA ASN B 205 -14.63 3.79 15.65
C ASN B 205 -16.08 3.82 15.21
N HIS B 206 -16.68 5.01 15.13
CA HIS B 206 -17.92 5.12 14.39
C HIS B 206 -17.70 4.83 12.90
N HIS B 207 -16.57 5.29 12.35
CA HIS B 207 -16.25 4.94 10.98
C HIS B 207 -15.89 3.47 10.86
N HIS B 208 -15.18 2.94 11.86
CA HIS B 208 -15.00 1.50 11.95
C HIS B 208 -16.33 0.77 11.88
N ALA B 209 -17.31 1.27 12.64
CA ALA B 209 -18.64 0.71 12.66
C ALA B 209 -19.15 0.53 11.24
N GLU B 210 -19.42 1.64 10.57
CA GLU B 210 -20.06 1.60 9.26
C GLU B 210 -19.31 0.76 8.26
N MET B 211 -18.12 0.30 8.60
CA MET B 211 -17.38 -0.59 7.72
C MET B 211 -17.82 -2.03 7.90
N LEU B 212 -17.77 -2.52 9.14
CA LEU B 212 -18.15 -3.88 9.51
C LEU B 212 -19.43 -4.34 8.83
N MET B 213 -20.36 -3.40 8.64
CA MET B 213 -21.55 -3.70 7.87
C MET B 213 -21.18 -4.08 6.45
N SER B 214 -20.46 -3.18 5.76
CA SER B 214 -19.99 -3.45 4.41
C SER B 214 -19.13 -4.70 4.34
N TRP B 215 -18.09 -4.74 5.18
CA TRP B 215 -17.04 -5.73 5.06
C TRP B 215 -17.58 -7.15 4.95
N ARG B 216 -16.90 -7.95 4.11
CA ARG B 216 -17.19 -9.34 3.80
C ARG B 216 -16.34 -9.80 2.62
N VAL B 217 -15.85 -11.05 2.66
CA VAL B 217 -15.10 -11.63 1.54
C VAL B 217 -15.56 -13.06 1.36
N ASN B 218 -15.71 -13.47 0.09
CA ASN B 218 -16.33 -14.72 -0.35
C ASN B 218 -17.27 -15.26 0.71
N ASP B 219 -18.20 -14.39 1.14
CA ASP B 219 -18.97 -14.48 2.36
C ASP B 219 -18.45 -15.52 3.34
N HIS B 220 -17.47 -15.10 4.14
CA HIS B 220 -17.05 -15.85 5.30
C HIS B 220 -17.86 -15.34 6.49
N LYS B 221 -17.30 -15.45 7.71
CA LYS B 221 -18.00 -14.96 8.89
C LYS B 221 -16.99 -14.65 9.98
N PHE B 222 -17.41 -13.82 10.92
CA PHE B 222 -16.51 -13.27 11.92
C PHE B 222 -16.31 -14.24 13.08
N THR B 223 -15.13 -14.16 13.68
CA THR B 223 -14.78 -14.95 14.86
C THR B 223 -15.77 -14.70 16.01
N PRO B 224 -15.95 -15.69 16.89
CA PRO B 224 -16.92 -15.52 17.99
C PRO B 224 -16.76 -14.27 18.81
N LEU B 225 -15.56 -14.02 19.34
CA LEU B 225 -15.36 -12.83 20.17
C LEU B 225 -15.65 -11.56 19.39
N LEU B 226 -15.01 -11.41 18.21
CA LEU B 226 -15.09 -10.14 17.50
C LEU B 226 -16.52 -9.76 17.16
N CYS B 227 -17.40 -10.74 16.95
CA CYS B 227 -18.82 -10.41 16.75
C CYS B 227 -19.42 -9.70 17.95
N GLU B 228 -18.80 -9.81 19.13
CA GLU B 228 -19.37 -9.19 20.32
C GLU B 228 -19.44 -7.68 20.25
N ILE B 229 -18.86 -7.05 19.23
CA ILE B 229 -19.11 -5.63 19.03
C ILE B 229 -20.53 -5.42 18.53
N TRP B 230 -20.77 -5.65 17.25
CA TRP B 230 -22.06 -5.38 16.65
C TRP B 230 -22.43 -6.47 15.66
N ASP B 231 -23.65 -6.37 15.12
CA ASP B 231 -24.13 -7.30 14.11
C ASP B 231 -24.27 -6.60 12.77
N LYS C 1 23.44 15.07 -24.01
CA LYS C 1 24.13 14.79 -25.26
C LYS C 1 23.75 13.42 -25.82
N GLU C 2 24.59 12.90 -26.72
CA GLU C 2 24.36 11.59 -27.31
C GLU C 2 24.13 10.58 -26.21
N ASN C 3 22.87 10.33 -25.88
CA ASN C 3 22.51 9.23 -25.00
C ASN C 3 22.85 7.92 -25.68
N ALA C 4 24.08 7.47 -25.47
CA ALA C 4 24.62 6.37 -26.24
C ALA C 4 24.17 5.03 -25.69
N LEU C 5 23.98 4.95 -24.38
CA LEU C 5 23.50 3.71 -23.78
C LEU C 5 22.29 3.18 -24.52
N LEU C 6 21.41 4.08 -24.94
CA LEU C 6 20.22 3.65 -25.66
C LEU C 6 20.52 3.41 -27.14
N ARG C 7 21.36 4.26 -27.75
CA ARG C 7 21.86 4.00 -29.09
C ARG C 7 22.37 2.57 -29.19
N TYR C 8 23.37 2.24 -28.37
CA TYR C 8 23.89 0.88 -28.30
C TYR C 8 22.78 -0.12 -28.05
N LEU C 9 21.91 0.18 -27.09
CA LEU C 9 20.93 -0.80 -26.66
C LEU C 9 20.10 -1.30 -27.82
N LEU C 10 19.64 -0.38 -28.67
CA LEU C 10 18.90 -0.79 -29.84
C LEU C 10 19.82 -1.15 -31.01
N ASP C 11 20.95 -0.45 -31.16
CA ASP C 11 21.87 -0.76 -32.25
C ASP C 11 22.43 -2.17 -32.18
N LYS C 12 22.33 -2.83 -31.02
CA LYS C 12 22.89 -4.15 -30.84
C LYS C 12 21.99 -5.21 -31.45
N ASP C 13 22.61 -6.27 -31.93
CA ASP C 13 21.91 -7.39 -32.53
C ASP C 13 21.71 -8.51 -31.50
N ALA D 4 -24.55 -4.90 24.65
CA ALA D 4 -25.35 -5.49 23.58
C ALA D 4 -25.79 -6.90 23.95
N LEU D 5 -27.10 -7.10 24.09
CA LEU D 5 -27.70 -8.38 24.44
C LEU D 5 -27.14 -8.96 25.74
N LEU D 6 -26.32 -10.02 25.62
CA LEU D 6 -25.65 -10.64 26.77
C LEU D 6 -24.26 -11.10 26.30
N ARG D 7 -23.31 -10.16 26.29
CA ARG D 7 -21.96 -10.40 25.80
C ARG D 7 -21.30 -11.55 26.53
N TYR D 8 -21.82 -12.77 26.36
CA TYR D 8 -21.45 -13.87 27.24
C TYR D 8 -19.98 -14.21 27.05
N LEU D 9 -19.14 -13.42 27.73
CA LEU D 9 -17.69 -13.46 27.60
C LEU D 9 -17.05 -13.53 28.98
N LEU D 10 -16.46 -14.69 29.29
CA LEU D 10 -15.71 -14.83 30.51
C LEU D 10 -14.35 -14.18 30.30
N ASP D 11 -14.04 -13.20 31.16
CA ASP D 11 -12.70 -12.64 31.19
C ASP D 11 -11.66 -13.73 31.30
N LYS D 12 -11.93 -14.72 32.16
CA LYS D 12 -10.91 -15.56 32.79
C LYS D 12 -9.98 -16.20 31.77
N ASP D 13 -8.75 -16.49 32.21
CA ASP D 13 -7.63 -16.82 31.32
C ASP D 13 -7.27 -15.63 30.42
#